data_5E9M
#
_entry.id   5E9M
#
_cell.length_a   81.370
_cell.length_b   96.111
_cell.length_c   57.811
_cell.angle_alpha   90.000
_cell.angle_beta   90.000
_cell.angle_gamma   90.000
#
_symmetry.space_group_name_H-M   'C 2 2 21'
#
loop_
_entity.id
_entity.type
_entity.pdbx_description
1 polymer 'Bromodomain adjacent to zinc finger domain protein 2B'
2 non-polymer N-methyltrimethylacetamide
3 water water
#
_entity_poly.entity_id   1
_entity_poly.type   'polypeptide(L)'
_entity_poly.pdbx_seq_one_letter_code
;SMSVKKPKRDDSKDLALCSMILTEMETHEDAWPFLLPVNLKLVPGYKKVIKKPMDFSTIREKLSSGQYPNLETFALDVRL
VFDNCETFNEDDSDIGRAGHNMRKYFEKKWTDTFKV
;
_entity_poly.pdbx_strand_id   A
#
# COMPACT_ATOMS: atom_id res chain seq x y z
N SER A 1 0.14 -28.48 -12.19
CA SER A 1 -0.38 -28.52 -13.56
C SER A 1 -1.79 -29.10 -13.56
N MET A 2 -2.27 -29.51 -14.74
CA MET A 2 -3.63 -30.06 -14.85
C MET A 2 -3.85 -31.26 -13.93
N SER A 3 -4.83 -31.14 -13.03
CA SER A 3 -5.16 -32.17 -12.03
C SER A 3 -4.02 -32.43 -11.05
N VAL A 4 -3.09 -31.49 -10.94
CA VAL A 4 -2.04 -31.59 -9.92
C VAL A 4 -2.07 -30.32 -9.11
N LYS A 5 -2.82 -30.36 -8.01
CA LYS A 5 -3.05 -29.19 -7.18
C LYS A 5 -2.10 -29.19 -5.99
N LYS A 6 -1.45 -28.06 -5.78
CA LYS A 6 -0.66 -27.84 -4.59
C LYS A 6 -1.64 -27.62 -3.43
N PRO A 7 -1.29 -28.08 -2.22
CA PRO A 7 -2.10 -27.61 -1.10
C PRO A 7 -1.96 -26.10 -0.98
N LYS A 8 -3.07 -25.38 -0.92
CA LYS A 8 -3.00 -23.91 -0.89
C LYS A 8 -3.58 -23.35 0.40
N ARG A 9 -2.99 -22.25 0.86
CA ARG A 9 -3.36 -21.65 2.13
C ARG A 9 -4.83 -21.24 2.16
N ASP A 10 -5.40 -21.28 3.36
CA ASP A 10 -6.74 -20.76 3.60
C ASP A 10 -6.72 -19.23 3.42
N ASP A 11 -7.38 -18.75 2.37
CA ASP A 11 -7.36 -17.33 2.05
C ASP A 11 -8.66 -16.63 2.44
N SER A 12 -9.50 -17.32 3.21
CA SER A 12 -10.82 -16.82 3.55
C SER A 12 -10.80 -15.56 4.43
N LYS A 13 -9.73 -15.35 5.17
CA LYS A 13 -9.65 -14.20 6.07
C LYS A 13 -8.78 -13.07 5.50
N ASP A 14 -8.27 -13.28 4.30
CA ASP A 14 -7.35 -12.31 3.68
C ASP A 14 -7.94 -10.90 3.55
N LEU A 15 -9.19 -10.82 3.09
CA LEU A 15 -9.84 -9.52 2.92
C LEU A 15 -9.91 -8.78 4.26
N ALA A 16 -10.38 -9.47 5.29
CA ALA A 16 -10.49 -8.89 6.63
C ALA A 16 -9.15 -8.46 7.19
N LEU A 17 -8.13 -9.30 7.00
CA LEU A 17 -6.80 -9.01 7.51
C LEU A 17 -6.13 -7.84 6.75
N CYS A 18 -6.34 -7.76 5.44
CA CYS A 18 -5.77 -6.63 4.70
C CYS A 18 -6.44 -5.32 5.14
N SER A 19 -7.74 -5.39 5.42
CA SER A 19 -8.47 -4.24 5.92
C SER A 19 -7.93 -3.80 7.28
N MET A 20 -7.63 -4.77 8.14
CA MET A 20 -7.04 -4.48 9.45
C MET A 20 -5.69 -3.80 9.30
N ILE A 21 -4.85 -4.33 8.42
CA ILE A 21 -3.54 -3.73 8.16
C ILE A 21 -3.70 -2.33 7.59
N LEU A 22 -4.62 -2.15 6.64
CA LEU A 22 -4.81 -0.84 6.05
C LEU A 22 -5.26 0.16 7.12
N THR A 23 -6.12 -0.28 8.03
CA THR A 23 -6.59 0.59 9.11
C THR A 23 -5.43 1.05 9.99
N GLU A 24 -4.50 0.15 10.29
CA GLU A 24 -3.35 0.52 11.11
C GLU A 24 -2.47 1.51 10.37
N MET A 25 -2.35 1.34 9.05
CA MET A 25 -1.63 2.29 8.21
C MET A 25 -2.27 3.67 8.24
N GLU A 26 -3.59 3.70 8.04
CA GLU A 26 -4.35 4.94 8.04
C GLU A 26 -4.22 5.72 9.34
N THR A 27 -4.05 5.02 10.45
CA THR A 27 -4.06 5.66 11.76
C THR A 27 -2.65 5.97 12.29
N HIS A 28 -1.62 5.54 11.55
CA HIS A 28 -0.24 5.86 11.91
C HIS A 28 -0.02 7.37 11.84
N GLU A 29 0.70 7.93 12.81
CA GLU A 29 0.82 9.39 12.85
C GLU A 29 1.56 9.93 11.62
N ASP A 30 2.35 9.09 10.97
CA ASP A 30 3.08 9.52 9.77
C ASP A 30 2.31 9.21 8.47
N ALA A 31 1.01 8.88 8.57
CA ALA A 31 0.24 8.54 7.37
C ALA A 31 -0.21 9.75 6.58
N TRP A 32 -0.14 10.94 7.19
CA TRP A 32 -0.76 12.13 6.60
C TRP A 32 -0.37 12.44 5.13
N PRO A 33 0.87 12.13 4.68
CA PRO A 33 1.11 12.46 3.27
C PRO A 33 0.41 11.52 2.29
N PHE A 34 -0.13 10.42 2.82
CA PHE A 34 -0.57 9.32 1.97
C PHE A 34 -2.06 9.04 2.06
N LEU A 35 -2.79 9.86 2.80
CA LEU A 35 -4.19 9.55 3.10
C LEU A 35 -5.08 9.80 1.89
N LEU A 36 -4.71 10.79 1.09
CA LEU A 36 -5.51 11.21 -0.07
C LEU A 36 -4.65 11.29 -1.32
N PRO A 37 -5.27 11.23 -2.51
CA PRO A 37 -4.44 11.36 -3.70
C PRO A 37 -3.68 12.68 -3.75
N VAL A 38 -2.48 12.66 -4.29
CA VAL A 38 -1.78 13.91 -4.59
C VAL A 38 -2.60 14.70 -5.59
N ASN A 39 -2.78 15.99 -5.32
CA ASN A 39 -3.53 16.86 -6.24
C ASN A 39 -2.71 17.19 -7.47
N LEU A 40 -3.03 16.51 -8.57
CA LEU A 40 -2.25 16.63 -9.81
C LEU A 40 -2.32 18.02 -10.43
N LYS A 41 -3.28 18.83 -9.99
CA LYS A 41 -3.40 20.18 -10.53
C LYS A 41 -2.62 21.19 -9.70
N LEU A 42 -2.25 20.81 -8.48
CA LEU A 42 -1.55 21.72 -7.60
C LEU A 42 -0.07 21.37 -7.39
N VAL A 43 0.35 20.21 -7.88
CA VAL A 43 1.73 19.77 -7.67
C VAL A 43 2.47 19.59 -8.99
N PRO A 44 3.26 20.62 -9.37
CA PRO A 44 4.07 20.56 -10.60
C PRO A 44 4.95 19.30 -10.64
N GLY A 45 5.00 18.67 -11.81
CA GLY A 45 5.82 17.49 -12.01
C GLY A 45 5.12 16.17 -11.74
N TYR A 46 4.18 16.17 -10.80
CA TYR A 46 3.72 14.89 -10.27
C TYR A 46 3.05 14.03 -11.36
N LYS A 47 2.18 14.65 -12.14
CA LYS A 47 1.43 13.91 -13.15
C LYS A 47 2.37 13.30 -14.20
N LYS A 48 3.37 14.07 -14.62
CA LYS A 48 4.28 13.62 -15.67
C LYS A 48 5.26 12.57 -15.16
N VAL A 49 5.72 12.73 -13.92
CA VAL A 49 6.76 11.87 -13.36
C VAL A 49 6.18 10.58 -12.78
N ILE A 50 5.08 10.69 -12.03
CA ILE A 50 4.54 9.52 -11.32
C ILE A 50 3.46 8.87 -12.17
N LYS A 51 3.83 7.78 -12.82
CA LYS A 51 2.97 7.19 -13.83
C LYS A 51 1.75 6.50 -13.23
N LYS A 52 1.89 5.99 -12.02
CA LYS A 52 0.79 5.33 -11.35
C LYS A 52 0.63 5.83 -9.92
N PRO A 53 -0.05 6.98 -9.77
CA PRO A 53 -0.29 7.47 -8.41
C PRO A 53 -1.12 6.48 -7.59
N MET A 54 -0.83 6.41 -6.29
CA MET A 54 -1.60 5.58 -5.38
C MET A 54 -1.56 6.20 -4.00
N ASP A 55 -2.61 5.98 -3.22
CA ASP A 55 -2.74 6.52 -1.87
C ASP A 55 -3.66 5.61 -1.07
N PHE A 56 -3.67 5.79 0.26
CA PHE A 56 -4.43 4.90 1.12
C PHE A 56 -5.93 4.92 0.85
N SER A 57 -6.49 6.10 0.54
CA SER A 57 -7.95 6.17 0.31
C SER A 57 -8.35 5.40 -0.93
N THR A 58 -7.50 5.45 -1.96
CA THR A 58 -7.74 4.72 -3.21
C THR A 58 -7.64 3.22 -2.95
N ILE A 59 -6.63 2.82 -2.18
CA ILE A 59 -6.52 1.42 -1.78
C ILE A 59 -7.75 0.96 -0.98
N ARG A 60 -8.23 1.83 -0.09
CA ARG A 60 -9.41 1.47 0.72
C ARG A 60 -10.63 1.28 -0.19
N GLU A 61 -10.78 2.15 -1.17
CA GLU A 61 -11.89 2.04 -2.11
C GLU A 61 -11.82 0.74 -2.93
N LYS A 62 -10.63 0.43 -3.45
CA LYS A 62 -10.44 -0.78 -4.24
C LYS A 62 -10.65 -2.04 -3.37
N LEU A 63 -10.16 -2.00 -2.14
CA LEU A 63 -10.38 -3.12 -1.22
C LEU A 63 -11.86 -3.35 -0.95
N SER A 64 -12.59 -2.26 -0.70
CA SER A 64 -14.01 -2.31 -0.37
C SER A 64 -14.93 -2.67 -1.54
N SER A 65 -14.38 -2.70 -2.76
CA SER A 65 -15.22 -2.90 -3.94
C SER A 65 -14.72 -4.09 -4.78
N GLY A 66 -13.96 -4.98 -4.14
CA GLY A 66 -13.56 -6.23 -4.78
C GLY A 66 -12.58 -6.08 -5.93
N GLN A 67 -11.76 -5.03 -5.89
CA GLN A 67 -10.82 -4.78 -6.99
C GLN A 67 -9.42 -5.36 -6.77
N TYR A 68 -9.18 -6.00 -5.63
CA TYR A 68 -7.96 -6.81 -5.47
C TYR A 68 -8.31 -8.30 -5.59
N PRO A 69 -7.76 -8.96 -6.61
CA PRO A 69 -8.00 -10.39 -6.83
C PRO A 69 -7.37 -11.25 -5.74
N ASN A 70 -6.28 -10.77 -5.16
CA ASN A 70 -5.59 -11.55 -4.14
C ASN A 70 -4.74 -10.65 -3.24
N LEU A 71 -4.14 -11.25 -2.21
CA LEU A 71 -3.40 -10.43 -1.27
CA LEU A 71 -3.24 -10.61 -1.26
C LEU A 71 -2.16 -9.77 -1.90
N GLU A 72 -1.53 -10.40 -2.88
CA GLU A 72 -0.34 -9.82 -3.50
C GLU A 72 -0.64 -8.53 -4.25
N THR A 73 -1.79 -8.45 -4.93
CA THR A 73 -2.14 -7.23 -5.64
C THR A 73 -2.40 -6.10 -4.67
N PHE A 74 -2.89 -6.44 -3.48
CA PHE A 74 -3.05 -5.43 -2.42
C PHE A 74 -1.67 -4.91 -1.98
N ALA A 75 -0.75 -5.83 -1.70
CA ALA A 75 0.59 -5.44 -1.28
C ALA A 75 1.33 -4.62 -2.34
N LEU A 76 1.09 -4.92 -3.61
CA LEU A 76 1.70 -4.15 -4.70
C LEU A 76 1.29 -2.68 -4.65
N ASP A 77 0.01 -2.43 -4.43
CA ASP A 77 -0.50 -1.06 -4.34
C ASP A 77 0.01 -0.32 -3.12
N VAL A 78 0.10 -1.00 -1.97
CA VAL A 78 0.66 -0.34 -0.79
C VAL A 78 2.11 0.05 -1.06
N ARG A 79 2.88 -0.87 -1.63
CA ARG A 79 4.28 -0.61 -1.93
C ARG A 79 4.42 0.49 -2.97
N LEU A 80 3.46 0.54 -3.89
CA LEU A 80 3.47 1.57 -4.93
C LEU A 80 3.44 2.97 -4.30
N VAL A 81 2.65 3.11 -3.24
CA VAL A 81 2.57 4.37 -2.51
C VAL A 81 3.97 4.84 -2.07
N PHE A 82 4.74 3.91 -1.51
CA PHE A 82 6.04 4.28 -0.94
C PHE A 82 7.10 4.37 -2.03
N ASP A 83 6.93 3.61 -3.10
CA ASP A 83 7.83 3.73 -4.25
C ASP A 83 7.65 5.08 -4.95
N ASN A 84 6.40 5.52 -5.11
CA ASN A 84 6.15 6.86 -5.63
C ASN A 84 6.78 7.92 -4.74
N CYS A 85 6.60 7.75 -3.44
CA CYS A 85 7.11 8.71 -2.46
C CYS A 85 8.61 8.87 -2.57
N GLU A 86 9.32 7.75 -2.68
CA GLU A 86 10.77 7.78 -2.84
C GLU A 86 11.19 8.48 -4.13
N THR A 87 10.41 8.25 -5.19
CA THR A 87 10.72 8.84 -6.50
C THR A 87 10.64 10.37 -6.45
N PHE A 88 9.68 10.89 -5.68
CA PHE A 88 9.40 12.32 -5.72
C PHE A 88 9.97 13.10 -4.53
N ASN A 89 10.41 12.39 -3.51
CA ASN A 89 10.85 13.07 -2.29
C ASN A 89 12.27 12.68 -1.87
N GLU A 90 13.02 13.68 -1.41
CA GLU A 90 14.34 13.44 -0.83
C GLU A 90 14.19 12.64 0.45
N ASP A 91 15.12 11.72 0.70
CA ASP A 91 15.10 10.93 1.93
C ASP A 91 15.07 11.82 3.17
N ASP A 92 15.79 12.93 3.11
CA ASP A 92 15.93 13.84 4.25
C ASP A 92 14.92 14.97 4.17
N SER A 93 13.68 14.60 3.88
CA SER A 93 12.56 15.52 3.97
C SER A 93 11.54 14.83 4.87
N ASP A 94 10.55 15.59 5.33
CA ASP A 94 9.54 15.02 6.21
C ASP A 94 8.74 13.93 5.53
N ILE A 95 8.33 14.19 4.29
CA ILE A 95 7.52 13.22 3.56
C ILE A 95 8.37 12.01 3.16
N GLY A 96 9.61 12.28 2.76
CA GLY A 96 10.54 11.21 2.45
C GLY A 96 10.73 10.30 3.64
N ARG A 97 10.97 10.88 4.81
CA ARG A 97 11.13 10.13 6.06
CA ARG A 97 11.14 10.09 6.02
C ARG A 97 9.85 9.36 6.39
N ALA A 98 8.71 10.03 6.21
CA ALA A 98 7.42 9.41 6.47
C ALA A 98 7.25 8.15 5.63
N GLY A 99 7.63 8.25 4.36
CA GLY A 99 7.52 7.12 3.46
C GLY A 99 8.34 5.92 3.89
N HIS A 100 9.60 6.14 4.22
CA HIS A 100 10.45 5.06 4.70
C HIS A 100 9.88 4.43 5.98
N ASN A 101 9.42 5.26 6.91
CA ASN A 101 8.85 4.77 8.15
C ASN A 101 7.61 3.91 7.89
N MET A 102 6.76 4.39 7.00
CA MET A 102 5.49 3.71 6.74
C MET A 102 5.72 2.40 6.00
N ARG A 103 6.72 2.38 5.11
CA ARG A 103 7.09 1.16 4.42
C ARG A 103 7.54 0.09 5.41
N LYS A 104 8.41 0.50 6.33
CA LYS A 104 8.93 -0.40 7.35
C LYS A 104 7.79 -0.97 8.18
N TYR A 105 6.91 -0.08 8.62
CA TYR A 105 5.73 -0.43 9.41
C TYR A 105 4.86 -1.46 8.68
N PHE A 106 4.59 -1.20 7.39
CA PHE A 106 3.78 -2.11 6.59
C PHE A 106 4.39 -3.50 6.48
N GLU A 107 5.68 -3.54 6.13
CA GLU A 107 6.32 -4.81 5.81
C GLU A 107 6.40 -5.73 7.02
N LYS A 108 6.58 -5.18 8.22
CA LYS A 108 6.56 -6.02 9.42
C LYS A 108 5.16 -6.59 9.65
N LYS A 109 4.13 -5.76 9.46
CA LYS A 109 2.76 -6.24 9.64
C LYS A 109 2.41 -7.27 8.59
N TRP A 110 2.96 -7.10 7.40
CA TRP A 110 2.71 -8.04 6.32
C TRP A 110 3.31 -9.39 6.67
N THR A 111 4.55 -9.39 7.12
CA THR A 111 5.24 -10.61 7.52
C THR A 111 4.56 -11.27 8.71
N ASP A 112 4.22 -10.47 9.72
CA ASP A 112 3.63 -10.99 10.94
C ASP A 112 2.24 -11.57 10.70
N THR A 113 1.52 -11.01 9.74
CA THR A 113 0.15 -11.44 9.49
C THR A 113 0.05 -12.66 8.58
N PHE A 114 0.89 -12.72 7.56
CA PHE A 114 0.70 -13.72 6.51
C PHE A 114 1.84 -14.72 6.36
N LYS A 115 3.06 -14.31 6.67
CA LYS A 115 4.18 -15.24 6.62
C LYS A 115 4.12 -16.14 7.86
N VAL A 116 3.16 -17.06 7.83
CA VAL A 116 2.70 -17.87 8.97
C VAL A 116 2.85 -17.14 10.30
#